data_3URI
#
_entry.id   3URI
#
_cell.length_a   43.020
_cell.length_b   75.560
_cell.length_c   42.800
_cell.angle_alpha   90.00
_cell.angle_beta   97.02
_cell.angle_gamma   90.00
#
_symmetry.space_group_name_H-M   'P 1 21 1'
#
loop_
_entity.id
_entity.type
_entity.pdbx_description
1 polymer Endothiapepsin
2 polymer 'DB5 peptide'
3 water water
#
loop_
_entity_poly.entity_id
_entity_poly.type
_entity_poly.pdbx_seq_one_letter_code
_entity_poly.pdbx_strand_id
1 'polypeptide(L)'
;STGSATTTPIDSLDDAYITPVQIGTPAQTLNLDFDTGSSDLWVFSSETTASEV(SUI)QTIYTPSKSTTAKLLSGATWSI
SYGDGSSSSGDVYTDTVSVGGLTVTGQAVESAKKVSSSFTEDSTIDGLLGLAFSTLNTVSPTQQKTFFDNAKASLDSPVF
TADLGYHAPGTYNFGFIDTTAYTGSITYTAVSTKQGFWEWTSTGYAVGSGTFKSTSIDGIADTGTTLLYLPATVVSAYWA
QVSGAKSSSSVGGYVFPCSATLPSFTFGVGSARIVIPGDYIDFGPISTGSSSCFGGIQSSAGIGINIFGDVALKAAFVVF
NGATTPTLGFASK
;
A
2 'polypeptide(L)' HPHLS(13E)AH B
#
# COMPACT_ATOMS: atom_id res chain seq x y z
N SER A 1 -8.40 -15.90 -16.51
CA SER A 1 -7.33 -16.45 -15.69
C SER A 1 -7.34 -15.88 -14.29
N THR A 2 -6.49 -16.36 -13.38
CA THR A 2 -6.39 -15.83 -12.03
C THR A 2 -4.93 -15.68 -11.65
N GLY A 3 -4.67 -15.19 -10.44
CA GLY A 3 -3.29 -15.00 -10.04
C GLY A 3 -3.05 -15.02 -8.54
N SER A 4 -1.97 -15.70 -8.14
CA SER A 4 -1.64 -15.73 -6.71
C SER A 4 -0.15 -15.51 -6.50
N ALA A 5 0.19 -14.58 -5.62
CA ALA A 5 1.57 -14.24 -5.31
C ALA A 5 1.73 -13.79 -3.86
N THR A 6 2.84 -14.22 -3.24
CA THR A 6 3.15 -13.95 -1.85
C THR A 6 3.68 -12.55 -1.59
N THR A 7 3.28 -11.95 -0.48
CA THR A 7 3.85 -10.64 -0.14
C THR A 7 4.47 -10.73 1.24
N THR A 8 5.73 -10.31 1.32
CA THR A 8 6.46 -10.46 2.57
C THR A 8 7.02 -9.13 3.07
N PRO A 9 6.93 -8.95 4.38
CA PRO A 9 7.43 -7.73 5.02
C PRO A 9 8.92 -7.54 4.78
N ILE A 10 9.30 -6.33 4.42
CA ILE A 10 10.68 -5.97 4.14
C ILE A 10 11.54 -5.90 5.40
N ASP A 11 10.92 -5.98 6.57
CA ASP A 11 11.64 -5.89 7.84
C ASP A 11 10.75 -6.26 9.02
N SER A 12 11.37 -6.22 10.18
CA SER A 12 10.82 -6.52 11.48
C SER A 12 9.63 -5.64 11.84
N LEU A 13 9.66 -4.40 11.34
CA LEU A 13 8.60 -3.46 11.72
C LEU A 13 7.38 -3.51 10.81
N ASP A 14 7.43 -4.20 9.68
CA ASP A 14 6.29 -4.19 8.76
C ASP A 14 6.12 -2.79 8.15
N ASP A 15 7.23 -2.12 7.90
CA ASP A 15 7.15 -0.78 7.32
C ASP A 15 6.51 -0.78 5.92
N ALA A 16 6.59 -1.91 5.25
CA ALA A 16 6.12 -2.07 3.89
C ALA A 16 6.28 -3.52 3.44
N TYR A 17 5.58 -3.91 2.39
CA TYR A 17 5.70 -5.28 1.91
C TYR A 17 6.05 -5.25 0.42
N ILE A 18 6.90 -6.20 0.02
CA ILE A 18 7.28 -6.32 -1.38
C ILE A 18 6.74 -7.63 -1.95
N THR A 19 6.44 -7.63 -3.24
CA THR A 19 5.96 -8.84 -3.92
C THR A 19 6.84 -9.10 -5.15
N PRO A 20 7.12 -10.36 -5.44
CA PRO A 20 7.91 -10.67 -6.63
C PRO A 20 7.07 -10.51 -7.90
N VAL A 21 7.61 -9.80 -8.89
CA VAL A 21 6.91 -9.64 -10.15
C VAL A 21 7.87 -9.95 -11.32
N GLN A 22 7.37 -10.61 -12.35
CA GLN A 22 8.24 -11.04 -13.45
C GLN A 22 8.08 -10.14 -14.68
N ILE A 23 9.15 -9.41 -15.01
CA ILE A 23 9.13 -8.50 -16.13
C ILE A 23 9.94 -9.01 -17.33
N GLY A 24 9.31 -8.98 -18.49
CA GLY A 24 9.90 -9.23 -19.77
C GLY A 24 10.16 -10.68 -20.15
N THR A 25 10.85 -10.82 -21.26
CA THR A 25 11.21 -12.08 -21.91
C THR A 25 12.71 -12.17 -22.16
N PRO A 26 13.41 -13.12 -21.55
CA PRO A 26 12.87 -14.05 -20.55
C PRO A 26 12.61 -13.34 -19.22
N ALA A 27 11.87 -13.96 -18.32
CA ALA A 27 11.41 -13.20 -17.15
C ALA A 27 12.55 -12.71 -16.27
N GLN A 28 12.59 -11.40 -16.05
CA GLN A 28 13.42 -10.78 -15.03
C GLN A 28 12.52 -10.49 -13.81
N THR A 29 12.93 -10.98 -12.64
CA THR A 29 12.11 -10.90 -11.43
C THR A 29 12.56 -9.82 -10.46
N LEU A 30 11.62 -8.90 -10.19
CA LEU A 30 11.88 -7.82 -9.27
C LEU A 30 10.88 -7.88 -8.12
N ASN A 31 11.33 -7.45 -6.95
CA ASN A 31 10.44 -7.31 -5.81
C ASN A 31 9.97 -5.86 -5.70
N LEU A 32 8.72 -5.65 -6.13
CA LEU A 32 8.12 -4.33 -6.04
C LEU A 32 7.06 -4.25 -4.94
N ASP A 33 6.95 -3.05 -4.39
CA ASP A 33 5.91 -2.71 -3.42
C ASP A 33 4.63 -2.41 -4.20
N PHE A 34 3.65 -3.27 -3.99
CA PHE A 34 2.27 -3.11 -4.42
C PHE A 34 1.64 -1.92 -3.70
N ASP A 35 1.27 -0.85 -4.42
CA ASP A 35 0.78 0.38 -3.81
C ASP A 35 -0.59 0.80 -4.31
N THR A 36 -1.63 0.52 -3.53
CA THR A 36 -3.00 0.89 -3.84
C THR A 36 -3.28 2.38 -3.71
N GLY A 37 -2.28 3.16 -3.28
CA GLY A 37 -2.44 4.60 -3.21
C GLY A 37 -1.74 5.29 -4.37
N SER A 38 -1.32 4.54 -5.38
CA SER A 38 -0.71 5.20 -6.54
C SER A 38 -1.00 4.40 -7.80
N SER A 39 -0.65 4.99 -8.95
CA SER A 39 -1.03 4.37 -10.22
C SER A 39 0.14 4.24 -11.19
N ASP A 40 1.36 4.07 -10.67
CA ASP A 40 2.51 3.97 -11.56
C ASP A 40 3.27 2.67 -11.35
N LEU A 41 3.53 1.97 -12.46
CA LEU A 41 4.37 0.78 -12.33
C LEU A 41 5.79 1.18 -12.73
N TRP A 42 6.63 1.45 -11.74
CA TRP A 42 8.01 1.81 -12.09
C TRP A 42 9.01 0.93 -11.35
N VAL A 43 10.21 0.77 -11.92
CA VAL A 43 11.27 0.05 -11.24
C VAL A 43 12.65 0.66 -11.56
N PHE A 44 13.62 0.38 -10.70
CA PHE A 44 15.04 0.54 -10.94
C PHE A 44 15.40 -0.19 -12.23
N SER A 45 16.22 0.44 -13.06
CA SER A 45 16.53 -0.15 -14.36
C SER A 45 18.00 0.06 -14.68
N SER A 46 18.44 -0.51 -15.79
CA SER A 46 19.75 -0.29 -16.36
C SER A 46 19.98 1.19 -16.67
N GLU A 47 18.92 1.96 -16.82
CA GLU A 47 18.98 3.37 -17.15
C GLU A 47 19.21 4.26 -15.94
N THR A 48 19.11 3.71 -14.74
CA THR A 48 19.16 4.55 -13.53
C THR A 48 20.57 5.08 -13.24
N THR A 49 20.67 6.34 -12.85
CA THR A 49 21.96 6.93 -12.48
C THR A 49 22.66 6.01 -11.46
N ALA A 50 23.81 5.50 -11.84
CA ALA A 50 24.57 4.51 -11.09
C ALA A 50 24.81 4.90 -9.65
N SER A 51 25.17 6.15 -9.36
CA SER A 51 25.39 6.53 -7.95
C SER A 51 24.10 6.51 -7.17
N GLU A 52 22.99 6.50 -7.90
CA GLU A 52 21.68 6.47 -7.25
C GLU A 52 21.19 5.04 -7.04
N VAL A 53 21.86 4.08 -7.67
CA VAL A 53 21.53 2.68 -7.50
C VAL A 53 22.36 2.02 -6.40
N SUI A 54 21.72 1.55 -5.34
CA SUI A 54 22.46 0.71 -4.41
CB SUI A 54 21.77 0.67 -3.03
CG SUI A 54 21.36 -0.81 -2.90
OD SUI A 54 20.75 -1.27 -1.97
C1 SUI A 54 22.56 -0.74 -4.87
O1 SUI A 54 22.70 -1.09 -6.02
N2 SUI A 54 21.87 -1.48 -3.96
C2A SUI A 54 21.71 -2.91 -4.15
C SUI A 54 20.28 -3.28 -4.52
O SUI A 54 19.71 -4.20 -3.94
N GLN A 55 19.66 -2.54 -5.45
CA GLN A 55 18.32 -3.01 -5.86
C GLN A 55 18.47 -3.96 -7.04
N THR A 56 17.53 -4.87 -7.23
CA THR A 56 17.57 -5.66 -8.47
C THR A 56 17.07 -4.77 -9.61
N ILE A 57 17.73 -4.73 -10.76
CA ILE A 57 17.26 -3.78 -11.77
C ILE A 57 16.70 -4.45 -13.02
N TYR A 58 15.88 -3.69 -13.73
CA TYR A 58 15.28 -4.12 -15.00
C TYR A 58 16.16 -3.68 -16.17
N THR A 59 16.52 -4.64 -17.01
CA THR A 59 17.29 -4.26 -18.20
C THR A 59 16.46 -4.54 -19.45
N PRO A 60 16.02 -3.42 -20.03
CA PRO A 60 15.12 -3.41 -21.18
C PRO A 60 15.64 -4.24 -22.35
N SER A 61 16.89 -4.01 -22.69
CA SER A 61 17.60 -4.53 -23.83
C SER A 61 18.01 -5.99 -23.63
N LYS A 62 17.61 -6.58 -22.50
CA LYS A 62 17.84 -8.01 -22.34
C LYS A 62 16.49 -8.72 -22.38
N SER A 63 15.42 -7.93 -22.60
CA SER A 63 14.09 -8.47 -22.82
C SER A 63 13.72 -8.38 -24.30
N THR A 64 13.26 -9.49 -24.85
CA THR A 64 12.88 -9.54 -26.25
C THR A 64 11.54 -8.84 -26.50
N THR A 65 10.60 -9.02 -25.59
CA THR A 65 9.25 -8.47 -25.74
C THR A 65 9.14 -7.00 -25.38
N ALA A 66 10.23 -6.39 -24.91
CA ALA A 66 10.21 -4.97 -24.57
C ALA A 66 10.20 -4.08 -25.82
N LYS A 67 9.51 -2.96 -25.69
CA LYS A 67 9.32 -1.98 -26.75
C LYS A 67 9.33 -0.58 -26.13
N LEU A 68 10.12 0.32 -26.72
CA LEU A 68 10.17 1.68 -26.19
C LEU A 68 8.90 2.46 -26.52
N LEU A 69 8.28 3.04 -25.50
CA LEU A 69 7.08 3.84 -25.81
C LEU A 69 7.48 5.28 -26.10
N SER A 70 7.64 5.58 -27.38
CA SER A 70 8.26 6.81 -27.85
C SER A 70 7.60 8.08 -27.33
N GLY A 71 8.47 9.01 -26.91
CA GLY A 71 8.07 10.32 -26.46
C GLY A 71 7.40 10.33 -25.11
N ALA A 72 7.14 9.14 -24.55
CA ALA A 72 6.49 9.16 -23.24
C ALA A 72 7.54 9.29 -22.12
N THR A 73 7.14 10.02 -21.10
CA THR A 73 7.92 10.30 -19.92
C THR A 73 7.05 10.41 -18.66
N TRP A 74 7.66 10.08 -17.53
CA TRP A 74 7.00 10.13 -16.24
C TRP A 74 7.87 10.79 -15.18
N SER A 75 7.20 11.29 -14.15
CA SER A 75 7.79 11.95 -13.00
C SER A 75 6.81 11.82 -11.83
N ILE A 76 7.27 11.24 -10.73
CA ILE A 76 6.30 11.07 -9.64
C ILE A 76 6.85 11.49 -8.29
N SER A 77 6.01 12.12 -7.44
CA SER A 77 6.43 12.30 -6.05
C SER A 77 5.38 11.71 -5.12
N TYR A 78 5.83 11.09 -4.04
CA TYR A 78 4.89 10.44 -3.13
C TYR A 78 4.73 11.26 -1.85
N GLY A 79 3.81 10.85 -0.99
CA GLY A 79 3.36 11.50 0.21
C GLY A 79 4.47 12.00 1.11
N ASP A 80 5.60 11.32 1.13
CA ASP A 80 6.74 11.62 1.98
C ASP A 80 7.85 12.40 1.30
N GLY A 81 7.61 12.93 0.09
CA GLY A 81 8.64 13.70 -0.58
C GLY A 81 9.44 12.92 -1.59
N SER A 82 9.54 11.61 -1.43
CA SER A 82 10.33 10.78 -2.35
C SER A 82 9.78 10.86 -3.77
N SER A 83 10.66 10.76 -4.76
CA SER A 83 10.23 10.90 -6.15
C SER A 83 11.18 10.20 -7.10
N SER A 84 10.74 10.11 -8.35
CA SER A 84 11.49 9.46 -9.41
C SER A 84 10.87 9.74 -10.77
N SER A 85 11.66 9.59 -11.81
CA SER A 85 11.22 9.84 -13.18
C SER A 85 12.08 9.11 -14.20
N GLY A 86 11.54 8.94 -15.41
CA GLY A 86 12.31 8.37 -16.52
C GLY A 86 11.51 8.31 -17.80
N ASP A 87 11.70 7.23 -18.56
CA ASP A 87 10.98 7.05 -19.81
C ASP A 87 10.15 5.77 -19.73
N VAL A 88 9.46 5.41 -20.81
CA VAL A 88 8.55 4.26 -20.68
C VAL A 88 8.73 3.22 -21.78
N TYR A 89 8.63 1.98 -21.33
CA TYR A 89 8.59 0.78 -22.14
C TYR A 89 7.28 0.05 -21.88
N THR A 90 6.82 -0.70 -22.87
CA THR A 90 5.75 -1.66 -22.65
C THR A 90 6.40 -3.04 -22.70
N ASP A 91 5.87 -3.97 -21.93
CA ASP A 91 6.49 -5.30 -21.88
C ASP A 91 5.57 -6.26 -21.13
N THR A 92 5.92 -7.54 -21.17
CA THR A 92 5.07 -8.54 -20.52
C THR A 92 5.37 -8.60 -19.03
N VAL A 93 4.32 -8.48 -18.23
CA VAL A 93 4.45 -8.52 -16.79
C VAL A 93 3.58 -9.63 -16.21
N SER A 94 4.17 -10.39 -15.28
CA SER A 94 3.49 -11.50 -14.63
C SER A 94 3.50 -11.36 -13.11
N VAL A 95 2.32 -11.52 -12.52
CA VAL A 95 2.16 -11.58 -11.08
C VAL A 95 1.51 -12.91 -10.68
N GLY A 96 2.24 -13.70 -9.90
CA GLY A 96 1.77 -14.96 -9.38
C GLY A 96 1.09 -15.87 -10.38
N GLY A 97 1.43 -15.74 -11.66
CA GLY A 97 0.89 -16.63 -12.67
C GLY A 97 0.02 -15.87 -13.65
N LEU A 98 -0.49 -14.72 -13.18
CA LEU A 98 -1.26 -13.82 -14.06
C LEU A 98 -0.34 -13.00 -14.96
N THR A 99 -0.44 -13.18 -16.27
CA THR A 99 0.44 -12.55 -17.23
C THR A 99 -0.25 -11.51 -18.12
N VAL A 100 0.35 -10.31 -18.17
CA VAL A 100 -0.17 -9.26 -19.01
C VAL A 100 0.86 -8.76 -20.03
N THR A 101 0.43 -8.72 -21.28
CA THR A 101 1.30 -8.22 -22.35
C THR A 101 1.04 -6.74 -22.59
N GLY A 102 2.09 -6.03 -22.99
CA GLY A 102 2.06 -4.63 -23.33
C GLY A 102 1.92 -3.68 -22.16
N GLN A 103 2.00 -4.20 -20.93
CA GLN A 103 1.92 -3.33 -19.76
C GLN A 103 2.96 -2.23 -19.84
N ALA A 104 2.61 -1.00 -19.48
CA ALA A 104 3.64 0.04 -19.42
C ALA A 104 4.54 -0.18 -18.21
N VAL A 105 5.83 -0.27 -18.50
CA VAL A 105 6.88 -0.38 -17.50
C VAL A 105 7.69 0.92 -17.50
N GLU A 106 7.59 1.67 -16.42
CA GLU A 106 8.30 2.95 -16.29
C GLU A 106 9.72 2.75 -15.81
N SER A 107 10.66 3.02 -16.71
CA SER A 107 12.09 2.91 -16.48
C SER A 107 12.63 4.14 -15.76
N ALA A 108 13.25 3.91 -14.61
CA ALA A 108 13.71 5.02 -13.78
C ALA A 108 15.08 5.52 -14.18
N LYS A 109 15.10 6.76 -14.65
CA LYS A 109 16.35 7.42 -15.01
C LYS A 109 17.01 7.98 -13.76
N LYS A 110 16.18 8.43 -12.81
CA LYS A 110 16.66 8.99 -11.55
C LYS A 110 15.68 8.69 -10.42
N VAL A 111 16.21 8.45 -9.22
CA VAL A 111 15.37 8.20 -8.06
C VAL A 111 15.93 8.93 -6.83
N SER A 112 15.04 9.30 -5.91
CA SER A 112 15.45 10.08 -4.74
C SER A 112 16.21 9.19 -3.76
N SER A 113 16.93 9.81 -2.83
CA SER A 113 17.81 9.17 -1.87
C SER A 113 17.10 8.12 -1.03
N SER A 114 15.84 8.37 -0.67
CA SER A 114 15.15 7.32 0.10
C SER A 114 15.07 6.04 -0.69
N PHE A 115 14.72 6.11 -1.98
CA PHE A 115 14.64 4.87 -2.75
C PHE A 115 16.01 4.20 -2.83
N THR A 116 17.02 4.98 -3.19
CA THR A 116 18.40 4.55 -3.18
C THR A 116 18.76 3.76 -1.93
N GLU A 117 18.44 4.32 -0.77
CA GLU A 117 18.81 3.69 0.49
C GLU A 117 17.94 2.49 0.83
N ASP A 118 16.81 2.25 0.14
CA ASP A 118 16.09 1.02 0.43
C ASP A 118 16.57 -0.08 -0.51
N SER A 119 17.30 -1.07 0.02
CA SER A 119 17.79 -2.12 -0.88
C SER A 119 16.71 -3.14 -1.15
N THR A 120 15.69 -3.21 -0.30
CA THR A 120 14.63 -4.21 -0.46
C THR A 120 13.59 -3.87 -1.51
N ILE A 121 13.35 -2.59 -1.79
CA ILE A 121 12.34 -2.23 -2.80
C ILE A 121 12.99 -1.97 -4.15
N ASP A 122 12.60 -2.77 -5.16
CA ASP A 122 13.22 -2.56 -6.48
C ASP A 122 12.34 -1.65 -7.33
N GLY A 123 11.10 -1.44 -6.89
CA GLY A 123 10.18 -0.61 -7.67
C GLY A 123 8.80 -0.61 -7.07
N LEU A 124 7.89 0.11 -7.71
CA LEU A 124 6.51 0.12 -7.20
C LEU A 124 5.54 -0.38 -8.27
N LEU A 125 4.36 -0.79 -7.83
CA LEU A 125 3.25 -1.24 -8.67
C LEU A 125 1.94 -0.59 -8.22
N GLY A 126 1.46 0.31 -9.07
CA GLY A 126 0.25 1.07 -8.81
C GLY A 126 -1.00 0.20 -8.95
N LEU A 127 -1.82 0.24 -7.90
CA LEU A 127 -3.10 -0.45 -7.87
C LEU A 127 -4.23 0.54 -7.56
N ALA A 128 -3.95 1.82 -7.79
CA ALA A 128 -4.94 2.89 -7.69
C ALA A 128 -5.58 3.14 -9.05
N PHE A 129 -6.57 4.03 -9.14
CA PHE A 129 -7.20 4.21 -10.46
C PHE A 129 -6.30 5.01 -11.39
N SER A 130 -6.32 4.62 -12.66
CA SER A 130 -5.42 5.08 -13.69
C SER A 130 -5.34 6.58 -13.89
N THR A 131 -6.29 7.35 -13.35
CA THR A 131 -6.22 8.80 -13.56
C THR A 131 -5.02 9.43 -12.84
N LEU A 132 -4.37 8.67 -11.96
CA LEU A 132 -3.21 9.22 -11.25
C LEU A 132 -1.90 8.76 -11.89
N ASN A 133 -1.97 8.08 -13.04
CA ASN A 133 -0.72 7.66 -13.66
C ASN A 133 0.01 8.87 -14.24
N THR A 134 1.27 9.05 -13.88
CA THR A 134 2.11 10.17 -14.28
C THR A 134 2.69 10.03 -15.67
N VAL A 135 2.27 9.05 -16.48
CA VAL A 135 2.85 9.06 -17.83
C VAL A 135 2.27 10.21 -18.65
N SER A 136 3.15 10.99 -19.25
CA SER A 136 2.94 12.16 -20.10
C SER A 136 3.45 11.90 -21.50
N PRO A 137 2.71 12.17 -22.57
CA PRO A 137 1.42 12.86 -22.55
C PRO A 137 0.19 11.98 -22.57
N THR A 138 0.33 10.65 -22.58
CA THR A 138 -0.88 9.83 -22.56
C THR A 138 -0.74 8.78 -21.46
N GLN A 139 -1.55 8.98 -20.43
CA GLN A 139 -1.60 8.12 -19.26
C GLN A 139 -1.68 6.65 -19.63
N GLN A 140 -0.86 5.85 -18.97
CA GLN A 140 -0.90 4.40 -19.08
C GLN A 140 -1.77 3.78 -17.99
N LYS A 141 -2.26 2.60 -18.33
CA LYS A 141 -3.14 1.75 -17.54
C LYS A 141 -2.40 0.95 -16.49
N THR A 142 -3.01 0.77 -15.32
CA THR A 142 -2.36 -0.04 -14.29
C THR A 142 -2.49 -1.53 -14.61
N PHE A 143 -1.69 -2.33 -13.94
CA PHE A 143 -1.66 -3.78 -14.07
C PHE A 143 -3.06 -4.37 -14.02
N PHE A 144 -3.75 -4.14 -12.92
CA PHE A 144 -5.14 -4.57 -12.73
C PHE A 144 -5.99 -4.18 -13.94
N ASP A 145 -6.06 -2.89 -14.25
CA ASP A 145 -6.78 -2.36 -15.39
C ASP A 145 -6.52 -3.19 -16.64
N ASN A 146 -5.24 -3.26 -17.02
CA ASN A 146 -4.82 -4.05 -18.17
C ASN A 146 -5.30 -5.48 -18.02
N ALA A 147 -5.27 -6.00 -16.79
CA ALA A 147 -5.62 -7.40 -16.63
C ALA A 147 -7.11 -7.68 -16.57
N LYS A 148 -7.92 -6.65 -16.32
CA LYS A 148 -9.34 -6.85 -16.02
C LYS A 148 -10.05 -7.69 -17.08
N ALA A 149 -9.72 -7.49 -18.35
CA ALA A 149 -10.35 -8.29 -19.41
C ALA A 149 -10.23 -9.78 -19.18
N SER A 150 -9.02 -10.25 -18.88
CA SER A 150 -8.76 -11.69 -18.75
C SER A 150 -8.82 -12.15 -17.31
N LEU A 151 -9.48 -11.39 -16.43
CA LEU A 151 -9.62 -11.88 -15.06
C LEU A 151 -10.90 -12.68 -14.91
N ASP A 152 -10.87 -13.78 -14.14
CA ASP A 152 -12.11 -14.54 -13.95
C ASP A 152 -13.18 -13.66 -13.34
N SER A 153 -12.72 -12.75 -12.49
CA SER A 153 -13.54 -11.70 -11.90
C SER A 153 -12.66 -10.48 -11.66
N PRO A 154 -13.21 -9.31 -11.96
CA PRO A 154 -12.43 -8.07 -11.98
C PRO A 154 -12.16 -7.55 -10.58
N VAL A 155 -11.50 -8.38 -9.77
CA VAL A 155 -11.24 -8.06 -8.37
C VAL A 155 -9.81 -8.39 -7.96
N PHE A 156 -9.26 -7.70 -6.96
CA PHE A 156 -7.99 -8.16 -6.40
C PHE A 156 -8.11 -8.16 -4.87
N THR A 157 -7.43 -9.07 -4.17
CA THR A 157 -7.47 -9.05 -2.72
C THR A 157 -6.09 -8.91 -2.08
N ALA A 158 -6.10 -8.09 -1.03
CA ALA A 158 -4.94 -7.88 -0.19
C ALA A 158 -5.03 -8.72 1.07
N ASP A 159 -4.11 -9.64 1.28
CA ASP A 159 -4.09 -10.34 2.58
C ASP A 159 -2.70 -10.21 3.21
N LEU A 160 -2.46 -9.04 3.81
CA LEU A 160 -1.19 -8.73 4.45
C LEU A 160 -1.08 -9.30 5.85
N GLY A 161 0.13 -9.71 6.24
CA GLY A 161 0.28 -10.35 7.54
C GLY A 161 0.86 -9.46 8.61
N TYR A 162 0.65 -9.87 9.87
CA TYR A 162 1.27 -9.15 10.99
C TYR A 162 2.62 -9.79 11.29
N HIS A 163 3.68 -9.20 10.75
CA HIS A 163 5.02 -9.73 10.96
C HIS A 163 5.16 -11.12 10.35
N ALA A 164 4.28 -11.42 9.41
CA ALA A 164 4.29 -12.64 8.62
C ALA A 164 3.96 -12.33 7.16
N PRO A 165 4.32 -13.25 6.27
CA PRO A 165 4.00 -13.10 4.86
C PRO A 165 2.48 -13.19 4.65
N GLY A 166 2.00 -12.77 3.50
CA GLY A 166 0.60 -12.80 3.14
C GLY A 166 0.40 -12.99 1.65
N THR A 167 -0.79 -12.66 1.13
CA THR A 167 -1.07 -12.88 -0.27
C THR A 167 -1.82 -11.77 -0.99
N TYR A 168 -1.48 -11.61 -2.26
CA TYR A 168 -2.24 -10.75 -3.17
C TYR A 168 -2.90 -11.66 -4.21
N ASN A 169 -4.23 -11.65 -4.27
CA ASN A 169 -4.88 -12.50 -5.25
C ASN A 169 -5.49 -11.67 -6.37
N PHE A 170 -5.41 -12.14 -7.62
CA PHE A 170 -6.14 -11.39 -8.65
C PHE A 170 -7.15 -12.32 -9.33
N GLY A 171 -8.41 -11.91 -9.42
CA GLY A 171 -9.41 -12.71 -10.14
C GLY A 171 -10.30 -13.56 -9.29
N PHE A 172 -10.05 -13.71 -7.98
CA PHE A 172 -10.91 -14.59 -7.19
C PHE A 172 -10.83 -14.27 -5.72
N ILE A 173 -11.82 -14.71 -4.96
CA ILE A 173 -11.72 -14.48 -3.51
C ILE A 173 -11.65 -15.83 -2.79
N ASP A 174 -10.53 -16.05 -2.14
CA ASP A 174 -10.25 -17.24 -1.35
C ASP A 174 -11.06 -17.23 -0.06
N THR A 175 -12.20 -17.91 -0.05
CA THR A 175 -13.09 -17.95 1.11
C THR A 175 -12.41 -18.43 2.39
N THR A 176 -11.42 -19.29 2.26
CA THR A 176 -10.70 -19.83 3.41
C THR A 176 -9.84 -18.78 4.10
N ALA A 177 -9.66 -17.66 3.42
CA ALA A 177 -8.77 -16.57 3.78
C ALA A 177 -9.27 -15.68 4.92
N TYR A 178 -10.57 -15.70 5.19
CA TYR A 178 -11.20 -14.80 6.15
C TYR A 178 -12.29 -15.48 6.97
N THR A 179 -12.76 -14.75 7.97
CA THR A 179 -13.80 -15.18 8.89
C THR A 179 -15.01 -14.26 8.80
N GLY A 180 -16.20 -14.85 8.70
CA GLY A 180 -17.45 -14.13 8.61
C GLY A 180 -17.82 -13.80 7.18
N SER A 181 -18.54 -12.71 6.96
CA SER A 181 -18.87 -12.29 5.60
C SER A 181 -18.14 -10.98 5.29
N ILE A 182 -18.02 -10.69 4.00
CA ILE A 182 -17.42 -9.46 3.55
C ILE A 182 -18.43 -8.32 3.49
N THR A 183 -18.13 -7.20 4.14
CA THR A 183 -19.04 -6.06 4.01
C THR A 183 -18.48 -5.09 2.97
N TYR A 184 -19.21 -4.94 1.88
CA TYR A 184 -18.80 -4.05 0.79
C TYR A 184 -19.18 -2.62 1.09
N THR A 185 -18.36 -1.66 0.67
CA THR A 185 -18.80 -0.27 0.89
C THR A 185 -18.42 0.60 -0.29
N ALA A 186 -19.26 1.59 -0.59
CA ALA A 186 -19.07 2.45 -1.74
C ALA A 186 -17.69 3.10 -1.78
N VAL A 187 -17.19 3.29 -2.98
CA VAL A 187 -15.92 3.92 -3.30
C VAL A 187 -16.08 5.14 -4.20
N SER A 188 -15.45 6.25 -3.78
CA SER A 188 -15.41 7.45 -4.61
C SER A 188 -14.13 7.48 -5.43
N THR A 189 -14.21 7.74 -6.74
CA THR A 189 -12.93 7.82 -7.46
C THR A 189 -12.62 9.25 -7.91
N LYS A 190 -13.23 10.25 -7.27
CA LYS A 190 -13.00 11.63 -7.69
C LYS A 190 -11.56 12.06 -7.53
N GLN A 191 -10.92 11.54 -6.50
CA GLN A 191 -9.54 11.69 -6.12
C GLN A 191 -8.62 10.63 -6.71
N GLY A 192 -9.10 9.79 -7.63
CA GLY A 192 -8.32 8.68 -8.16
C GLY A 192 -7.89 7.63 -7.17
N PHE A 193 -8.26 7.77 -5.89
CA PHE A 193 -7.88 6.87 -4.82
C PHE A 193 -8.99 5.87 -4.50
N TRP A 194 -8.64 4.68 -4.04
CA TRP A 194 -9.65 3.85 -3.39
C TRP A 194 -10.11 4.59 -2.14
N GLU A 195 -11.00 5.55 -2.31
CA GLU A 195 -11.50 6.44 -1.28
C GLU A 195 -12.85 5.97 -0.77
N TRP A 196 -12.95 5.88 0.56
CA TRP A 196 -14.20 5.41 1.16
C TRP A 196 -14.48 6.18 2.44
N THR A 197 -15.40 5.69 3.24
CA THR A 197 -15.85 6.39 4.45
C THR A 197 -16.18 5.42 5.58
N SER A 198 -15.38 5.42 6.64
CA SER A 198 -15.71 4.57 7.77
C SER A 198 -16.96 5.11 8.48
N THR A 199 -17.63 4.22 9.16
CA THR A 199 -18.87 4.49 9.89
C THR A 199 -18.59 4.96 11.30
N GLY A 200 -17.39 4.64 11.80
CA GLY A 200 -16.98 5.18 13.08
C GLY A 200 -15.79 4.44 13.67
N TYR A 201 -15.69 4.53 14.98
CA TYR A 201 -14.60 3.95 15.75
C TYR A 201 -15.06 3.69 17.19
N ALA A 202 -14.42 2.72 17.80
CA ALA A 202 -14.51 2.18 19.12
C ALA A 202 -13.10 1.95 19.66
N VAL A 203 -12.78 2.60 20.77
CA VAL A 203 -11.49 2.29 21.41
C VAL A 203 -11.71 1.24 22.50
N GLY A 204 -10.85 0.23 22.52
CA GLY A 204 -10.91 -0.83 23.51
C GLY A 204 -12.31 -1.39 23.66
N SER A 205 -12.71 -1.68 24.88
CA SER A 205 -14.09 -2.10 25.12
C SER A 205 -14.99 -0.88 25.31
N GLY A 206 -14.58 0.27 24.80
CA GLY A 206 -15.38 1.49 24.85
C GLY A 206 -16.49 1.53 23.81
N THR A 207 -17.36 2.55 23.87
CA THR A 207 -18.47 2.64 22.95
C THR A 207 -18.06 3.09 21.55
N PHE A 208 -18.82 2.58 20.58
CA PHE A 208 -18.64 2.91 19.19
C PHE A 208 -19.18 4.31 18.86
N LYS A 209 -18.26 5.28 18.84
CA LYS A 209 -18.69 6.61 18.40
C LYS A 209 -18.99 6.55 16.91
N SER A 210 -20.24 6.90 16.60
CA SER A 210 -20.71 6.88 15.22
C SER A 210 -20.29 8.16 14.52
N THR A 211 -19.24 8.08 13.69
CA THR A 211 -18.84 9.30 12.99
C THR A 211 -18.21 8.95 11.64
N SER A 212 -18.39 9.82 10.66
CA SER A 212 -18.00 9.52 9.29
C SER A 212 -16.59 9.97 8.97
N ILE A 213 -15.77 8.99 8.59
CA ILE A 213 -14.35 9.19 8.36
C ILE A 213 -13.95 8.88 6.94
N ASP A 214 -13.85 9.93 6.12
CA ASP A 214 -13.43 9.74 4.74
C ASP A 214 -11.91 9.53 4.67
N GLY A 215 -11.50 8.33 4.25
CA GLY A 215 -10.08 8.05 4.07
C GLY A 215 -9.79 7.30 2.78
N ILE A 216 -8.55 6.83 2.62
CA ILE A 216 -8.20 5.94 1.51
C ILE A 216 -7.63 4.62 2.01
N ALA A 217 -7.78 3.58 1.21
CA ALA A 217 -7.07 2.32 1.49
C ALA A 217 -5.73 2.38 0.75
N ASP A 218 -4.66 2.48 1.51
CA ASP A 218 -3.34 2.73 0.93
C ASP A 218 -2.34 1.70 1.38
N THR A 219 -2.03 0.69 0.55
CA THR A 219 -1.09 -0.34 0.98
C THR A 219 0.33 0.20 1.04
N GLY A 220 0.57 1.27 0.29
CA GLY A 220 1.88 1.90 0.26
C GLY A 220 2.19 2.72 1.49
N THR A 221 1.28 2.73 2.47
CA THR A 221 1.50 3.51 3.68
C THR A 221 1.57 2.60 4.89
N THR A 222 2.45 2.94 5.82
CA THR A 222 2.70 2.07 6.97
C THR A 222 1.61 2.19 8.03
N LEU A 223 1.43 3.42 8.49
CA LEU A 223 0.58 3.67 9.65
C LEU A 223 -0.86 4.01 9.27
N LEU A 224 -1.66 4.17 10.31
CA LEU A 224 -3.07 4.55 10.18
C LEU A 224 -3.22 5.98 10.71
N TYR A 225 -3.51 6.89 9.80
CA TYR A 225 -3.69 8.32 10.02
C TYR A 225 -5.16 8.71 10.00
N LEU A 226 -5.60 9.26 11.12
CA LEU A 226 -6.98 9.66 11.35
C LEU A 226 -7.02 11.08 11.88
N PRO A 227 -8.17 11.73 11.97
CA PRO A 227 -8.20 13.10 12.50
C PRO A 227 -7.59 13.19 13.89
N ALA A 228 -7.14 14.38 14.27
CA ALA A 228 -6.47 14.58 15.55
C ALA A 228 -7.31 14.18 16.76
N THR A 229 -8.60 14.47 16.80
CA THR A 229 -9.34 14.17 18.03
C THR A 229 -9.67 12.69 18.19
N VAL A 230 -9.79 11.93 17.11
CA VAL A 230 -9.94 10.48 17.17
C VAL A 230 -8.72 9.87 17.86
N VAL A 231 -7.58 10.19 17.27
CA VAL A 231 -6.26 9.74 17.71
C VAL A 231 -5.98 10.08 19.17
N SER A 232 -6.39 11.29 19.57
CA SER A 232 -6.25 11.72 20.95
C SER A 232 -7.05 10.78 21.85
N ALA A 233 -8.28 10.57 21.39
CA ALA A 233 -9.24 9.65 22.00
C ALA A 233 -8.59 8.31 22.26
N TYR A 234 -7.83 7.85 21.27
CA TYR A 234 -7.10 6.61 21.45
C TYR A 234 -6.10 6.72 22.61
N TRP A 235 -5.05 7.48 22.36
CA TRP A 235 -3.87 7.55 23.22
C TRP A 235 -4.16 7.89 24.67
N ALA A 236 -5.22 8.61 24.95
CA ALA A 236 -5.61 8.99 26.31
C ALA A 236 -5.98 7.80 27.17
N GLN A 237 -6.24 6.69 26.50
CA GLN A 237 -6.52 5.40 27.11
C GLN A 237 -5.23 4.66 27.42
N VAL A 238 -4.09 5.27 27.09
CA VAL A 238 -2.77 4.69 27.35
C VAL A 238 -1.98 5.65 28.23
N SER A 239 -1.82 5.28 29.49
CA SER A 239 -1.28 6.10 30.55
C SER A 239 0.04 6.75 30.18
N GLY A 240 0.98 5.94 29.71
CA GLY A 240 2.32 6.38 29.40
C GLY A 240 2.47 7.19 28.13
N ALA A 241 1.45 7.22 27.30
CA ALA A 241 1.47 7.88 26.01
C ALA A 241 1.46 9.41 26.07
N LYS A 242 2.20 10.01 25.16
CA LYS A 242 2.29 11.45 24.97
C LYS A 242 2.79 11.75 23.56
N SER A 243 2.54 12.95 23.05
CA SER A 243 3.08 13.24 21.72
C SER A 243 4.51 13.75 21.86
N SER A 244 5.35 13.44 20.87
CA SER A 244 6.75 13.88 20.95
C SER A 244 7.17 14.55 19.65
N SER A 245 7.45 15.85 19.71
CA SER A 245 7.91 16.61 18.56
C SER A 245 9.17 15.99 17.95
N SER A 246 10.04 15.51 18.83
CA SER A 246 11.33 14.97 18.41
C SER A 246 11.14 13.72 17.55
N VAL A 247 10.28 12.81 17.99
CA VAL A 247 9.98 11.60 17.22
C VAL A 247 8.98 11.95 16.12
N GLY A 248 8.12 12.91 16.44
CA GLY A 248 7.07 13.39 15.57
C GLY A 248 5.90 12.43 15.53
N GLY A 249 5.23 12.26 16.67
CA GLY A 249 4.09 11.36 16.78
C GLY A 249 3.99 10.78 18.18
N TYR A 250 2.90 10.09 18.49
CA TYR A 250 2.69 9.59 19.83
C TYR A 250 3.65 8.46 20.19
N VAL A 251 4.32 8.67 21.31
CA VAL A 251 5.20 7.73 21.95
C VAL A 251 4.59 7.21 23.26
N PHE A 252 4.94 5.98 23.57
CA PHE A 252 4.49 5.30 24.78
C PHE A 252 5.51 4.25 25.19
N PRO A 253 5.71 4.07 26.50
CA PRO A 253 6.47 2.93 27.01
C PRO A 253 6.18 1.62 26.28
N CYS A 254 7.24 1.01 25.75
CA CYS A 254 7.12 -0.26 25.04
C CYS A 254 6.42 -1.33 25.87
N SER A 255 6.45 -1.26 27.20
CA SER A 255 5.92 -2.37 27.99
C SER A 255 4.40 -2.30 28.10
N ALA A 256 3.84 -1.26 27.50
CA ALA A 256 2.42 -0.96 27.51
C ALA A 256 1.62 -2.03 26.81
N THR A 257 0.52 -2.45 27.43
CA THR A 257 -0.39 -3.35 26.70
C THR A 257 -1.48 -2.48 26.06
N LEU A 258 -1.39 -2.35 24.75
CA LEU A 258 -2.23 -1.43 24.00
C LEU A 258 -3.64 -1.97 23.77
N PRO A 259 -4.59 -1.08 24.01
CA PRO A 259 -5.99 -1.21 23.62
C PRO A 259 -6.18 -1.35 22.11
N SER A 260 -7.24 -2.07 21.77
CA SER A 260 -7.71 -2.23 20.42
C SER A 260 -8.38 -0.95 19.94
N PHE A 261 -8.38 -0.82 18.63
CA PHE A 261 -9.10 0.18 17.87
C PHE A 261 -10.06 -0.55 16.93
N THR A 262 -11.29 -0.06 16.92
CA THR A 262 -12.34 -0.61 16.07
C THR A 262 -12.74 0.44 15.04
N PHE A 263 -12.73 0.09 13.75
CA PHE A 263 -13.30 1.07 12.81
C PHE A 263 -14.51 0.44 12.13
N GLY A 264 -15.40 1.36 11.71
CA GLY A 264 -16.61 0.94 11.05
C GLY A 264 -16.40 0.77 9.54
N VAL A 265 -17.16 -0.15 9.02
CA VAL A 265 -17.44 -0.48 7.64
C VAL A 265 -18.89 -0.98 7.58
N GLY A 266 -19.75 -0.06 7.19
CA GLY A 266 -21.18 -0.31 7.20
C GLY A 266 -21.58 -0.65 8.63
N SER A 267 -22.39 -1.67 8.76
CA SER A 267 -22.79 -2.12 10.09
C SER A 267 -21.74 -3.07 10.65
N ALA A 268 -20.68 -3.26 9.87
CA ALA A 268 -19.55 -4.10 10.24
C ALA A 268 -18.51 -3.37 11.06
N ARG A 269 -17.74 -4.12 11.84
CA ARG A 269 -16.74 -3.55 12.72
C ARG A 269 -15.40 -4.24 12.56
N ILE A 270 -14.36 -3.52 12.12
CA ILE A 270 -13.07 -4.23 12.08
C ILE A 270 -12.27 -3.93 13.34
N VAL A 271 -11.68 -4.96 13.93
CA VAL A 271 -10.95 -4.72 15.19
C VAL A 271 -9.45 -4.90 15.00
N ILE A 272 -8.70 -3.81 15.08
CA ILE A 272 -7.23 -3.97 15.00
C ILE A 272 -6.70 -4.37 16.36
N PRO A 273 -5.93 -5.44 16.46
CA PRO A 273 -5.46 -5.86 17.80
C PRO A 273 -4.44 -4.87 18.34
N GLY A 274 -4.36 -4.78 19.67
CA GLY A 274 -3.48 -3.84 20.34
C GLY A 274 -2.05 -3.91 19.85
N ASP A 275 -1.55 -5.12 19.63
CA ASP A 275 -0.17 -5.37 19.24
C ASP A 275 0.16 -4.71 17.90
N TYR A 276 -0.78 -4.75 16.98
CA TYR A 276 -0.61 -4.16 15.65
C TYR A 276 -0.19 -2.69 15.80
N ILE A 277 -0.73 -2.06 16.83
CA ILE A 277 -0.49 -0.66 17.14
C ILE A 277 0.85 -0.46 17.82
N ASP A 278 1.37 -1.41 18.62
CA ASP A 278 2.79 -1.18 18.96
C ASP A 278 3.59 -1.32 17.66
N PHE A 279 4.25 -0.23 17.26
CA PHE A 279 5.05 -0.36 16.04
C PHE A 279 6.46 -0.81 16.36
N GLY A 280 7.16 -0.12 17.26
CA GLY A 280 8.49 -0.54 17.66
C GLY A 280 9.17 0.43 18.60
N PRO A 281 10.28 0.01 19.20
CA PRO A 281 11.14 0.90 19.99
C PRO A 281 11.77 1.96 19.08
N ILE A 282 11.70 3.22 19.46
CA ILE A 282 12.11 4.33 18.63
C ILE A 282 13.55 4.23 18.12
N SER A 283 14.35 3.45 18.82
CA SER A 283 15.69 3.02 18.52
C SER A 283 15.91 1.72 19.31
N THR A 284 16.75 0.85 18.78
CA THR A 284 16.92 -0.50 19.30
C THR A 284 17.37 -0.50 20.74
N GLY A 285 16.53 -1.13 21.58
CA GLY A 285 16.80 -1.20 23.00
C GLY A 285 16.16 -0.08 23.79
N SER A 286 15.38 0.78 23.14
CA SER A 286 14.75 1.87 23.86
C SER A 286 13.58 1.42 24.73
N SER A 287 13.21 2.28 25.68
CA SER A 287 12.10 1.99 26.58
C SER A 287 10.80 2.52 26.00
N SER A 288 10.95 3.48 25.10
CA SER A 288 9.83 4.13 24.43
C SER A 288 9.57 3.55 23.05
N CYS A 289 8.29 3.38 22.74
CA CYS A 289 7.91 2.86 21.43
C CYS A 289 7.12 3.89 20.64
N PHE A 290 7.03 3.71 19.32
CA PHE A 290 6.27 4.59 18.44
C PHE A 290 4.91 3.98 18.09
N GLY A 291 3.87 4.79 18.22
CA GLY A 291 2.48 4.45 18.04
C GLY A 291 2.07 4.15 16.62
N GLY A 292 1.17 3.19 16.41
CA GLY A 292 0.81 2.80 15.07
C GLY A 292 -0.34 3.61 14.49
N ILE A 293 -0.91 4.46 15.33
CA ILE A 293 -1.97 5.39 14.97
C ILE A 293 -1.45 6.81 15.20
N GLN A 294 -1.65 7.71 14.25
CA GLN A 294 -1.07 9.05 14.34
C GLN A 294 -2.03 10.07 13.72
N SER A 295 -1.82 11.33 14.05
CA SER A 295 -2.72 12.36 13.51
C SER A 295 -2.49 12.56 12.01
N SER A 296 -3.56 12.76 11.24
CA SER A 296 -3.37 13.01 9.82
C SER A 296 -3.57 14.49 9.50
N ALA A 297 -3.64 15.31 10.55
CA ALA A 297 -3.83 16.74 10.35
C ALA A 297 -2.84 17.31 9.33
N GLY A 298 -1.57 16.93 9.46
CA GLY A 298 -0.59 17.54 8.57
C GLY A 298 -0.62 16.99 7.16
N ILE A 299 -1.14 15.78 6.98
CA ILE A 299 -1.17 15.13 5.67
C ILE A 299 -2.28 15.71 4.80
N GLY A 300 -3.48 15.85 5.38
CA GLY A 300 -4.61 16.41 4.66
C GLY A 300 -5.60 15.36 4.20
N ILE A 301 -5.40 14.11 4.62
CA ILE A 301 -6.35 13.06 4.27
C ILE A 301 -6.21 11.88 5.23
N ASN A 302 -7.35 11.26 5.54
CA ASN A 302 -7.26 10.09 6.44
C ASN A 302 -6.74 8.89 5.67
N ILE A 303 -5.74 8.23 6.26
CA ILE A 303 -5.05 7.14 5.57
C ILE A 303 -5.09 5.88 6.42
N PHE A 304 -5.77 4.87 5.84
CA PHE A 304 -5.86 3.55 6.42
C PHE A 304 -4.70 2.70 5.86
N GLY A 305 -3.49 2.96 6.34
CA GLY A 305 -2.31 2.25 5.86
C GLY A 305 -2.30 0.78 6.24
N ASP A 306 -1.11 0.16 6.19
CA ASP A 306 -0.95 -1.25 6.47
C ASP A 306 -1.33 -1.67 7.88
N VAL A 307 -1.23 -0.82 8.90
CA VAL A 307 -1.52 -1.31 10.25
C VAL A 307 -2.99 -1.69 10.40
N ALA A 308 -3.86 -1.02 9.66
CA ALA A 308 -5.28 -1.28 9.68
C ALA A 308 -5.66 -2.37 8.67
N LEU A 309 -4.99 -2.38 7.54
CA LEU A 309 -5.25 -3.33 6.46
C LEU A 309 -4.82 -4.74 6.82
N LYS A 310 -3.70 -4.92 7.52
CA LYS A 310 -3.31 -6.28 7.87
C LYS A 310 -4.28 -6.88 8.87
N ALA A 311 -5.07 -6.01 9.53
CA ALA A 311 -6.08 -6.44 10.47
C ALA A 311 -7.24 -7.11 9.74
N ALA A 312 -7.34 -6.91 8.42
CA ALA A 312 -8.46 -7.52 7.72
C ALA A 312 -8.04 -8.13 6.39
N PHE A 313 -8.97 -8.94 5.86
CA PHE A 313 -8.95 -9.42 4.49
C PHE A 313 -9.67 -8.38 3.64
N VAL A 314 -8.96 -7.82 2.65
CA VAL A 314 -9.51 -6.72 1.89
C VAL A 314 -9.72 -7.05 0.43
N VAL A 315 -10.93 -6.72 -0.02
CA VAL A 315 -11.28 -6.92 -1.41
C VAL A 315 -11.39 -5.59 -2.13
N PHE A 316 -10.68 -5.54 -3.26
CA PHE A 316 -10.74 -4.39 -4.14
C PHE A 316 -11.53 -4.79 -5.38
N ASN A 317 -12.82 -4.49 -5.32
CA ASN A 317 -13.72 -4.82 -6.42
C ASN A 317 -13.56 -3.81 -7.55
N GLY A 318 -13.12 -4.28 -8.71
CA GLY A 318 -12.90 -3.38 -9.82
C GLY A 318 -14.01 -3.37 -10.85
N ALA A 319 -15.25 -3.59 -10.43
CA ALA A 319 -16.39 -3.43 -11.34
C ALA A 319 -16.47 -2.00 -11.83
N THR A 320 -17.32 -1.75 -12.82
CA THR A 320 -17.41 -0.41 -13.41
C THR A 320 -17.75 0.61 -12.34
N THR A 321 -18.66 0.27 -11.45
CA THR A 321 -18.75 1.00 -10.18
C THR A 321 -18.02 0.20 -9.11
N PRO A 322 -16.85 0.67 -8.71
CA PRO A 322 -16.02 -0.05 -7.76
C PRO A 322 -16.55 -0.07 -6.33
N THR A 323 -16.22 -1.18 -5.66
CA THR A 323 -16.58 -1.31 -4.25
C THR A 323 -15.36 -1.74 -3.44
N LEU A 324 -15.50 -1.68 -2.12
CA LEU A 324 -14.49 -2.18 -1.22
C LEU A 324 -15.11 -3.11 -0.19
N GLY A 325 -14.58 -4.32 -0.16
CA GLY A 325 -14.98 -5.34 0.80
C GLY A 325 -13.93 -5.43 1.91
N PHE A 326 -14.44 -5.66 3.11
CA PHE A 326 -13.71 -5.86 4.33
C PHE A 326 -14.26 -7.10 5.03
N ALA A 327 -13.37 -7.99 5.41
CA ALA A 327 -13.70 -9.19 6.18
C ALA A 327 -12.61 -9.39 7.22
N SER A 328 -12.99 -9.86 8.41
CA SER A 328 -11.95 -10.11 9.42
C SER A 328 -11.24 -11.41 9.08
N LYS A 329 -10.05 -11.58 9.63
CA LYS A 329 -9.21 -12.73 9.30
C LYS A 329 -9.02 -13.66 10.49
N PRO B 2 12.71 3.48 9.30
CA PRO B 2 12.06 3.57 8.00
C PRO B 2 10.57 3.84 8.30
N HIS B 3 9.73 4.19 7.29
CA HIS B 3 8.32 4.55 7.42
C HIS B 3 7.84 4.94 6.03
N LEU B 4 6.93 4.24 5.35
CA LEU B 4 6.62 4.62 3.97
C LEU B 4 5.22 5.22 3.84
N SER B 5 5.07 6.25 3.00
CA SER B 5 3.80 6.95 2.77
C SER B 5 3.55 7.15 1.26
N 13E B 6 3.28 6.04 0.57
CA 13E B 6 3.14 6.05 -0.88
C2 13E B 6 3.85 4.87 -1.48
C3 13E B 6 5.35 4.71 -1.19
C4 13E B 6 5.88 3.42 -1.16
C5 13E B 6 6.19 5.81 -0.97
C6 13E B 6 7.24 3.23 -0.92
C7 13E B 6 7.55 5.61 -0.73
C8 13E B 6 8.08 4.33 -0.70
C9 13E B 6 1.68 5.98 -1.35
N2 13E B 6 0.92 7.16 -0.96
C10 13E B 6 0.05 7.71 -2.00
C11 13E B 6 -1.20 8.32 -1.32
C12 13E B 6 -1.01 9.21 -0.08
SD 13E B 6 -1.09 10.99 -0.37
C13 13E B 6 -0.07 11.52 0.97
C 13E B 6 0.75 8.78 -2.89
O 13E B 6 1.80 9.31 -2.49
N ALA B 7 0.29 9.04 -4.11
CA ALA B 7 0.85 10.14 -4.89
C ALA B 7 -0.19 11.18 -4.48
N HIS B 8 0.29 12.12 -3.66
CA HIS B 8 -0.54 13.16 -3.09
C HIS B 8 -1.04 14.10 -4.20
#